data_5KK8
#
_entry.id   5KK8
#
_cell.length_a   71.450
_cell.length_b   71.450
_cell.length_c   219.340
_cell.angle_alpha   90.000
_cell.angle_beta   90.000
_cell.angle_gamma   120.000
#
_symmetry.space_group_name_H-M   'P 63 2 2'
#
loop_
_entity.id
_entity.type
_entity.pdbx_description
1 polymer 'Nucleoside diphosphate kinase'
2 non-polymer "ADENOSINE-5'-DIPHOSPHATE"
3 water water
#
_entity_poly.entity_id   1
_entity_poly.type   'polypeptide(L)'
_entity_poly.pdbx_seq_one_letter_code
;GPERTFIMVKPDGVQRGLVGEVIQRFERRGYKLVAIKMMHASEQLLQTHYEALKSLSFFPKLVAYMSSGPVVPMVFEGRK
VVENGRTMLGATKPEASCPGSIRGDYCQDVGRNVVHGSDSTESANREINLWFSPQELCQYKQAVDPWIHE
;
_entity_poly.pdbx_strand_id   A,B
#
# COMPACT_ATOMS: atom_id res chain seq x y z
N PRO A 2 24.59 -4.35 2.26
CA PRO A 2 24.33 -3.33 3.28
C PRO A 2 22.93 -2.74 3.07
N GLU A 3 21.95 -3.21 3.83
CA GLU A 3 20.58 -2.73 3.68
C GLU A 3 20.49 -1.26 4.10
N ARG A 4 19.74 -0.47 3.33
CA ARG A 4 19.52 0.94 3.62
C ARG A 4 18.06 1.33 3.40
N THR A 5 17.60 2.33 4.14
CA THR A 5 16.25 2.85 3.98
C THR A 5 16.28 4.37 3.92
N PHE A 6 15.29 4.94 3.25
CA PHE A 6 15.13 6.39 3.13
C PHE A 6 14.08 6.85 4.13
N ILE A 7 14.48 7.76 5.03
CA ILE A 7 13.62 8.38 6.03
C ILE A 7 13.62 9.88 5.78
N MET A 8 12.47 10.53 5.96
CA MET A 8 12.38 11.96 5.67
C MET A 8 11.42 12.63 6.63
N VAL A 9 11.89 13.63 7.37
CA VAL A 9 10.99 14.40 8.25
C VAL A 9 10.21 15.38 7.40
N LYS A 10 8.88 15.38 7.55
CA LYS A 10 8.00 16.23 6.73
C LYS A 10 7.91 17.63 7.33
N PRO A 11 7.32 18.59 6.59
CA PRO A 11 7.33 19.98 7.10
C PRO A 11 6.72 20.11 8.48
N ASP A 12 5.72 19.29 8.82
CA ASP A 12 5.15 19.40 10.16
C ASP A 12 6.09 18.84 11.22
N GLY A 13 6.89 17.83 10.87
CA GLY A 13 7.88 17.34 11.82
C GLY A 13 8.96 18.37 12.12
N VAL A 14 9.35 19.15 11.10
CA VAL A 14 10.32 20.23 11.31
C VAL A 14 9.71 21.31 12.21
N GLN A 15 8.51 21.80 11.85
CA GLN A 15 7.84 22.86 12.60
C GLN A 15 7.67 22.47 14.07
N ARG A 16 7.31 21.21 14.34
CA ARG A 16 7.06 20.77 15.70
C ARG A 16 8.32 20.30 16.43
N GLY A 17 9.50 20.50 15.86
CA GLY A 17 10.72 20.19 16.60
C GLY A 17 10.96 18.71 16.85
N LEU A 18 10.67 17.86 15.86
CA LEU A 18 10.77 16.41 16.01
C LEU A 18 11.91 15.81 15.18
N VAL A 19 12.77 16.64 14.57
CA VAL A 19 13.85 16.09 13.74
C VAL A 19 14.79 15.22 14.58
N GLY A 20 15.27 15.76 15.71
CA GLY A 20 16.20 14.99 16.54
C GLY A 20 15.57 13.72 17.08
N GLU A 21 14.29 13.80 17.44
CA GLU A 21 13.59 12.62 17.93
C GLU A 21 13.57 11.51 16.90
N VAL A 22 13.29 11.84 15.63
CA VAL A 22 13.24 10.82 14.58
C VAL A 22 14.61 10.15 14.41
N ILE A 23 15.66 10.96 14.33
CA ILE A 23 17.02 10.43 14.19
C ILE A 23 17.35 9.54 15.39
N GLN A 24 17.01 9.99 16.59
CA GLN A 24 17.43 9.27 17.79
C GLN A 24 16.75 7.91 17.89
N ARG A 25 15.52 7.78 17.38
CA ARG A 25 14.87 6.46 17.40
C ARG A 25 15.65 5.45 16.56
N PHE A 26 16.24 5.89 15.45
CA PHE A 26 17.04 4.98 14.63
C PHE A 26 18.42 4.73 15.24
N GLU A 27 19.06 5.78 15.78
CA GLU A 27 20.35 5.62 16.45
C GLU A 27 20.25 4.69 17.66
N ARG A 28 19.20 4.83 18.45
CA ARG A 28 19.05 3.98 19.62
C ARG A 28 18.84 2.52 19.24
N ARG A 29 18.36 2.26 18.05
CA ARG A 29 18.25 0.89 17.59
C ARG A 29 19.52 0.40 16.88
N GLY A 30 20.62 1.17 16.97
CA GLY A 30 21.88 0.74 16.42
C GLY A 30 22.05 1.02 14.93
N TYR A 31 21.11 1.72 14.30
CA TYR A 31 21.23 1.96 12.88
C TYR A 31 22.19 3.11 12.60
N LYS A 32 22.85 3.04 11.45
CA LYS A 32 23.94 3.93 11.08
C LYS A 32 23.41 5.06 10.21
N LEU A 33 23.51 6.29 10.68
CA LEU A 33 23.19 7.45 9.84
C LEU A 33 24.28 7.64 8.78
N VAL A 34 23.93 7.60 7.49
CA VAL A 34 24.94 7.76 6.44
C VAL A 34 24.69 8.95 5.54
N ALA A 35 23.53 9.61 5.64
CA ALA A 35 23.28 10.81 4.84
C ALA A 35 22.15 11.60 5.48
N ILE A 36 22.21 12.93 5.36
CA ILE A 36 21.14 13.80 5.86
C ILE A 36 21.31 15.20 5.28
N LYS A 37 20.19 15.89 5.06
CA LYS A 37 20.27 17.30 4.71
C LYS A 37 18.90 17.92 4.93
N MET A 38 18.86 19.23 5.07
CA MET A 38 17.61 19.99 5.08
C MET A 38 17.50 20.75 3.76
N MET A 39 16.30 20.78 3.19
CA MET A 39 16.09 21.44 1.90
C MET A 39 14.63 21.79 1.73
N HIS A 40 14.38 22.73 0.82
CA HIS A 40 13.03 22.92 0.28
C HIS A 40 12.89 22.02 -0.93
N ALA A 41 11.97 21.06 -0.87
CA ALA A 41 11.81 20.17 -2.01
C ALA A 41 10.93 20.82 -3.08
N SER A 42 11.37 20.71 -4.34
CA SER A 42 10.58 21.27 -5.43
C SER A 42 9.39 20.37 -5.76
N GLU A 43 8.40 20.96 -6.44
CA GLU A 43 7.24 20.19 -6.88
C GLU A 43 7.64 19.01 -7.76
N GLN A 44 8.62 19.22 -8.66
CA GLN A 44 9.00 18.15 -9.58
C GLN A 44 9.65 16.99 -8.86
N LEU A 45 10.53 17.28 -7.89
CA LEU A 45 11.11 16.22 -7.08
C LEU A 45 10.02 15.46 -6.33
N LEU A 46 9.08 16.20 -5.73
CA LEU A 46 8.04 15.57 -4.94
C LEU A 46 7.11 14.72 -5.81
N GLN A 47 6.83 15.16 -7.04
CA GLN A 47 5.97 14.41 -7.93
C GLN A 47 6.62 13.08 -8.32
N THR A 48 7.93 13.09 -8.53
CA THR A 48 8.64 11.84 -8.83
C THR A 48 8.66 10.95 -7.60
N HIS A 49 8.96 11.52 -6.44
CA HIS A 49 8.97 10.73 -5.21
C HIS A 49 7.63 10.03 -4.99
N TYR A 50 6.51 10.73 -5.21
CA TYR A 50 5.18 10.16 -5.02
C TYR A 50 4.55 9.67 -6.32
N GLU A 51 5.36 9.24 -7.29
CA GLU A 51 4.82 8.93 -8.62
C GLU A 51 3.76 7.83 -8.56
N ALA A 52 3.90 6.89 -7.62
CA ALA A 52 2.90 5.82 -7.49
C ALA A 52 1.51 6.36 -7.15
N LEU A 53 1.42 7.58 -6.60
CA LEU A 53 0.15 8.17 -6.19
C LEU A 53 -0.37 9.20 -7.18
N LYS A 54 0.31 9.39 -8.32
CA LYS A 54 0.00 10.51 -9.21
C LYS A 54 -1.45 10.50 -9.69
N SER A 55 -2.13 9.35 -9.67
CA SER A 55 -3.50 9.29 -10.15
C SER A 55 -4.54 9.49 -9.05
N LEU A 56 -4.13 9.70 -7.80
CA LEU A 56 -5.09 9.79 -6.72
C LEU A 56 -5.55 11.23 -6.48
N SER A 57 -6.77 11.37 -5.96
CA SER A 57 -7.41 12.69 -5.85
C SER A 57 -6.60 13.65 -5.00
N PHE A 58 -5.93 13.16 -3.96
CA PHE A 58 -5.22 14.02 -3.03
C PHE A 58 -3.79 14.31 -3.46
N PHE A 59 -3.37 13.82 -4.63
CA PHE A 59 -1.99 14.00 -5.07
C PHE A 59 -1.57 15.45 -5.13
N PRO A 60 -2.30 16.35 -5.80
CA PRO A 60 -1.82 17.75 -5.87
C PRO A 60 -1.72 18.41 -4.51
N LYS A 61 -2.69 18.14 -3.63
CA LYS A 61 -2.66 18.68 -2.28
C LYS A 61 -1.46 18.16 -1.50
N LEU A 62 -1.17 16.86 -1.62
CA LEU A 62 0.02 16.32 -0.95
C LEU A 62 1.29 16.99 -1.44
N VAL A 63 1.42 17.16 -2.76
CA VAL A 63 2.62 17.74 -3.34
C VAL A 63 2.76 19.19 -2.89
N ALA A 64 1.67 19.96 -2.96
CA ALA A 64 1.74 21.35 -2.52
C ALA A 64 2.08 21.43 -1.04
N TYR A 65 1.50 20.56 -0.22
CA TYR A 65 1.80 20.57 1.20
C TYR A 65 3.26 20.21 1.46
N MET A 66 3.77 19.17 0.78
CA MET A 66 5.15 18.74 1.06
C MET A 66 6.20 19.75 0.56
N SER A 67 5.80 20.74 -0.22
CA SER A 67 6.71 21.81 -0.61
C SER A 67 6.44 23.11 0.14
N SER A 68 5.57 23.10 1.15
CA SER A 68 5.20 24.33 1.85
C SER A 68 6.14 24.71 2.98
N GLY A 69 7.14 23.88 3.29
CA GLY A 69 8.16 24.21 4.25
C GLY A 69 9.30 23.22 4.09
N PRO A 70 10.43 23.44 4.75
CA PRO A 70 11.59 22.54 4.58
C PRO A 70 11.29 21.12 5.06
N VAL A 71 12.02 20.17 4.47
CA VAL A 71 12.01 18.77 4.86
C VAL A 71 13.43 18.34 5.20
N VAL A 72 13.54 17.20 5.90
CA VAL A 72 14.85 16.65 6.25
C VAL A 72 14.95 15.20 5.75
N PRO A 73 15.39 14.99 4.50
CA PRO A 73 15.69 13.62 4.04
C PRO A 73 16.94 13.07 4.70
N MET A 74 16.97 11.74 4.89
CA MET A 74 18.12 11.08 5.50
C MET A 74 18.14 9.60 5.09
N VAL A 75 19.28 8.95 5.36
CA VAL A 75 19.47 7.54 5.00
C VAL A 75 20.06 6.79 6.20
N PHE A 76 19.43 5.69 6.58
CA PHE A 76 19.97 4.82 7.62
C PHE A 76 20.35 3.46 7.04
N GLU A 77 21.34 2.82 7.69
CA GLU A 77 21.92 1.56 7.23
C GLU A 77 21.94 0.53 8.36
N GLY A 78 21.56 -0.70 8.06
CA GLY A 78 21.66 -1.76 9.04
C GLY A 78 20.76 -2.92 8.70
N ARG A 79 20.85 -3.97 9.52
CA ARG A 79 20.13 -5.22 9.26
C ARG A 79 18.63 -4.98 9.39
N LYS A 80 17.87 -5.39 8.37
CA LYS A 80 16.41 -5.31 8.37
C LYS A 80 15.92 -3.87 8.61
N VAL A 81 16.72 -2.89 8.19
CA VAL A 81 16.39 -1.49 8.46
C VAL A 81 15.11 -1.05 7.73
N VAL A 82 14.82 -1.59 6.53
CA VAL A 82 13.59 -1.18 5.83
C VAL A 82 12.36 -1.62 6.62
N GLU A 83 12.26 -2.93 6.88
CA GLU A 83 11.12 -3.47 7.63
C GLU A 83 11.01 -2.86 9.02
N ASN A 84 12.14 -2.77 9.74
CA ASN A 84 12.06 -2.20 11.07
C ASN A 84 11.73 -0.72 11.02
N GLY A 85 12.25 -0.01 10.00
CA GLY A 85 11.86 1.37 9.82
C GLY A 85 10.35 1.55 9.71
N ARG A 86 9.68 0.66 8.98
CA ARG A 86 8.23 0.80 8.84
C ARG A 86 7.53 0.61 10.18
N THR A 87 7.98 -0.36 10.98
CA THR A 87 7.36 -0.62 12.28
C THR A 87 7.57 0.55 13.23
N MET A 88 8.76 1.13 13.21
CA MET A 88 9.09 2.23 14.11
C MET A 88 8.30 3.48 13.78
N LEU A 89 8.00 3.71 12.49
CA LEU A 89 7.18 4.86 12.10
C LEU A 89 5.72 4.66 12.50
N GLY A 90 5.23 3.44 12.41
CA GLY A 90 3.83 3.16 12.68
C GLY A 90 2.95 3.27 11.45
N ALA A 91 1.68 2.94 11.65
CA ALA A 91 0.74 2.93 10.53
C ALA A 91 0.62 4.32 9.90
N THR A 92 0.34 4.34 8.60
CA THR A 92 0.12 5.59 7.88
C THR A 92 -0.94 6.47 8.56
N LYS A 93 -2.08 5.88 8.92
CA LYS A 93 -3.11 6.56 9.68
C LYS A 93 -2.76 6.52 11.17
N PRO A 94 -2.50 7.65 11.80
CA PRO A 94 -2.07 7.62 13.21
C PRO A 94 -3.01 6.87 14.13
N GLU A 95 -4.33 6.93 13.87
CA GLU A 95 -5.27 6.27 14.77
C GLU A 95 -5.15 4.74 14.72
N ALA A 96 -4.50 4.20 13.69
CA ALA A 96 -4.23 2.77 13.60
C ALA A 96 -2.85 2.40 14.10
N SER A 97 -2.07 3.35 14.59
CA SER A 97 -0.70 3.05 14.98
C SER A 97 -0.61 2.81 16.48
N CYS A 98 0.33 2.01 16.87
CA CYS A 98 0.43 1.67 18.28
C CYS A 98 1.27 2.70 19.02
N PRO A 99 1.02 2.89 20.31
CA PRO A 99 1.91 3.73 21.12
C PRO A 99 3.32 3.16 21.07
N GLY A 100 4.31 4.04 21.24
CA GLY A 100 5.69 3.66 21.06
C GLY A 100 6.21 3.89 19.66
N SER A 101 5.33 3.90 18.66
CA SER A 101 5.73 4.28 17.31
C SER A 101 5.70 5.81 17.15
N ILE A 102 6.39 6.32 16.12
CA ILE A 102 6.46 7.76 15.94
C ILE A 102 5.07 8.35 15.73
N ARG A 103 4.27 7.75 14.85
CA ARG A 103 2.97 8.34 14.58
C ARG A 103 1.99 8.08 15.71
N GLY A 104 2.14 6.94 16.42
CA GLY A 104 1.33 6.69 17.59
C GLY A 104 1.65 7.63 18.74
N ASP A 105 2.90 8.08 18.87
CA ASP A 105 3.25 9.00 19.94
C ASP A 105 2.93 10.47 19.63
N TYR A 106 3.02 10.88 18.35
CA TYR A 106 3.03 12.31 17.99
C TYR A 106 1.94 12.79 17.03
N CYS A 107 1.19 11.91 16.38
CA CYS A 107 0.34 12.36 15.29
C CYS A 107 -1.15 12.09 15.53
N GLN A 108 -1.99 12.97 14.96
CA GLN A 108 -3.44 12.79 14.99
C GLN A 108 -4.10 12.78 13.62
N ASP A 109 -3.37 13.00 12.54
CA ASP A 109 -3.96 13.19 11.23
C ASP A 109 -3.08 12.53 10.18
N VAL A 110 -3.68 11.74 9.30
CA VAL A 110 -2.89 11.10 8.24
C VAL A 110 -2.20 12.16 7.39
N GLY A 111 -2.82 13.33 7.21
CA GLY A 111 -2.23 14.37 6.39
C GLY A 111 -1.15 15.18 7.08
N ARG A 112 -0.92 14.93 8.36
CA ARG A 112 0.13 15.57 9.14
C ARG A 112 0.79 14.49 9.99
N ASN A 113 1.46 13.54 9.35
CA ASN A 113 1.99 12.38 10.07
C ASN A 113 3.52 12.37 10.13
N VAL A 114 4.14 13.55 10.02
CA VAL A 114 5.47 13.87 10.58
C VAL A 114 6.66 13.34 9.81
N VAL A 115 6.56 12.13 9.23
CA VAL A 115 7.75 11.45 8.73
C VAL A 115 7.36 10.49 7.60
N HIS A 116 8.29 10.30 6.66
CA HIS A 116 8.15 9.34 5.58
C HIS A 116 9.22 8.27 5.71
N GLY A 117 8.88 7.03 5.37
CA GLY A 117 9.88 5.98 5.30
C GLY A 117 9.62 5.00 4.17
N SER A 118 10.67 4.49 3.52
CA SER A 118 10.51 3.54 2.41
C SER A 118 9.74 2.30 2.85
N ASP A 119 8.87 1.80 1.97
CA ASP A 119 8.06 0.63 2.29
C ASP A 119 8.66 -0.68 1.77
N SER A 120 9.74 -0.64 1.00
CA SER A 120 10.37 -1.85 0.54
C SER A 120 11.81 -1.55 0.16
N THR A 121 12.58 -2.61 0.00
CA THR A 121 13.97 -2.51 -0.45
C THR A 121 14.07 -1.81 -1.81
N GLU A 122 13.21 -2.20 -2.76
CA GLU A 122 13.24 -1.57 -4.07
C GLU A 122 12.89 -0.09 -3.98
N SER A 123 11.89 0.24 -3.16
CA SER A 123 11.52 1.64 -2.98
C SER A 123 12.64 2.41 -2.30
N ALA A 124 13.29 1.81 -1.32
CA ALA A 124 14.40 2.48 -0.64
C ALA A 124 15.50 2.84 -1.62
N ASN A 125 15.91 1.88 -2.45
CA ASN A 125 17.00 2.15 -3.39
C ASN A 125 16.61 3.27 -4.36
N ARG A 126 15.37 3.23 -4.86
CA ARG A 126 14.91 4.29 -5.75
C ARG A 126 14.93 5.65 -5.04
N GLU A 127 14.37 5.72 -3.81
CA GLU A 127 14.24 7.01 -3.12
C GLU A 127 15.60 7.57 -2.71
N ILE A 128 16.48 6.72 -2.17
CA ILE A 128 17.81 7.17 -1.80
C ILE A 128 18.48 7.87 -3.00
N ASN A 129 18.47 7.20 -4.15
CA ASN A 129 19.14 7.74 -5.34
C ASN A 129 18.42 8.94 -5.92
N LEU A 130 17.14 9.11 -5.62
CA LEU A 130 16.43 10.30 -6.08
C LEU A 130 16.83 11.53 -5.28
N TRP A 131 17.02 11.38 -3.96
CA TRP A 131 17.25 12.52 -3.08
C TRP A 131 18.73 12.81 -2.84
N PHE A 132 19.61 11.82 -3.03
CA PHE A 132 21.02 11.94 -2.68
C PHE A 132 21.89 11.45 -3.82
N SER A 133 22.92 12.22 -4.16
CA SER A 133 23.95 11.70 -5.02
C SER A 133 24.86 10.75 -4.24
N PRO A 134 25.51 9.79 -4.93
CA PRO A 134 26.34 8.82 -4.19
C PRO A 134 27.39 9.48 -3.30
N GLN A 135 27.91 10.64 -3.68
CA GLN A 135 28.96 11.31 -2.90
C GLN A 135 28.46 11.85 -1.57
N GLU A 136 27.14 11.94 -1.37
CA GLU A 136 26.62 12.41 -0.10
C GLU A 136 26.47 11.30 0.92
N LEU A 137 26.60 10.05 0.50
CA LEU A 137 26.46 8.91 1.40
C LEU A 137 27.83 8.62 2.00
N CYS A 138 27.91 8.68 3.32
CA CYS A 138 29.17 8.48 4.04
C CYS A 138 29.34 7.03 4.44
N GLN A 139 30.58 6.56 4.41
CA GLN A 139 30.91 5.20 4.79
C GLN A 139 31.83 5.24 6.01
N TYR A 140 31.49 4.46 7.03
CA TYR A 140 32.33 4.25 8.20
C TYR A 140 31.90 2.94 8.83
N LYS A 141 32.75 2.43 9.73
CA LYS A 141 32.45 1.23 10.49
C LYS A 141 32.05 1.62 11.91
N GLN A 142 30.83 1.24 12.31
CA GLN A 142 30.39 1.44 13.69
C GLN A 142 31.23 0.59 14.64
N ALA A 143 31.75 1.22 15.68
CA ALA A 143 32.48 0.47 16.69
C ALA A 143 31.61 -0.63 17.33
N VAL A 144 30.30 -0.40 17.45
CA VAL A 144 29.45 -1.38 18.14
C VAL A 144 29.00 -2.50 17.20
N ASP A 145 29.47 -2.48 15.95
CA ASP A 145 29.05 -3.50 14.97
C ASP A 145 29.04 -4.93 15.50
N PRO A 146 30.09 -5.43 16.17
CA PRO A 146 30.05 -6.83 16.66
C PRO A 146 28.96 -7.08 17.71
N TRP A 147 28.39 -6.04 18.31
CA TRP A 147 27.38 -6.20 19.35
C TRP A 147 25.97 -5.90 18.88
N ILE A 148 25.78 -5.45 17.64
CA ILE A 148 24.43 -5.18 17.14
C ILE A 148 23.94 -6.22 16.18
N HIS A 149 24.82 -7.01 15.58
CA HIS A 149 24.36 -8.11 14.76
C HIS A 149 25.42 -9.21 14.76
N GLU A 150 24.97 -10.43 14.46
CA GLU A 150 25.84 -11.59 14.32
C GLU A 150 26.72 -11.46 13.09
N PRO B 2 -24.53 4.19 -1.59
CA PRO B 2 -24.34 2.89 -2.25
C PRO B 2 -22.86 2.52 -2.40
N GLU B 3 -22.26 1.97 -1.34
CA GLU B 3 -20.86 1.61 -1.35
C GLU B 3 -20.63 0.32 -2.15
N ARG B 4 -19.61 0.35 -3.02
CA ARG B 4 -19.30 -0.78 -3.88
C ARG B 4 -17.79 -1.04 -3.85
N THR B 5 -17.41 -2.29 -4.06
CA THR B 5 -16.01 -2.67 -4.19
C THR B 5 -15.84 -3.59 -5.38
N PHE B 6 -14.65 -3.56 -5.95
CA PHE B 6 -14.31 -4.39 -7.11
C PHE B 6 -13.50 -5.59 -6.63
N ILE B 7 -13.99 -6.79 -6.95
CA ILE B 7 -13.33 -8.04 -6.63
C ILE B 7 -13.07 -8.78 -7.94
N MET B 8 -11.88 -9.38 -8.07
CA MET B 8 -11.54 -10.09 -9.31
C MET B 8 -10.81 -11.38 -8.96
N VAL B 9 -11.35 -12.50 -9.42
CA VAL B 9 -10.66 -13.77 -9.30
C VAL B 9 -9.57 -13.84 -10.36
N LYS B 10 -8.33 -14.13 -9.93
CA LYS B 10 -7.15 -14.15 -10.77
C LYS B 10 -7.02 -15.52 -11.42
N PRO B 11 -6.20 -15.63 -12.47
CA PRO B 11 -6.17 -16.90 -13.21
C PRO B 11 -5.94 -18.12 -12.33
N ASP B 12 -5.14 -18.02 -11.27
CA ASP B 12 -4.95 -19.20 -10.42
C ASP B 12 -6.22 -19.54 -9.63
N GLY B 13 -7.04 -18.54 -9.31
CA GLY B 13 -8.30 -18.83 -8.66
C GLY B 13 -9.25 -19.59 -9.57
N VAL B 14 -9.23 -19.28 -10.86
CA VAL B 14 -10.05 -20.01 -11.83
C VAL B 14 -9.55 -21.44 -11.98
N GLN B 15 -8.22 -21.61 -12.12
CA GLN B 15 -7.64 -22.94 -12.29
C GLN B 15 -7.94 -23.85 -11.10
N ARG B 16 -7.91 -23.30 -9.89
CA ARG B 16 -8.09 -24.08 -8.68
C ARG B 16 -9.55 -24.19 -8.24
N GLY B 17 -10.49 -23.74 -9.06
CA GLY B 17 -11.90 -23.89 -8.74
C GLY B 17 -12.37 -23.12 -7.53
N LEU B 18 -11.88 -21.88 -7.34
CA LEU B 18 -12.22 -21.10 -6.17
C LEU B 18 -13.18 -19.94 -6.47
N VAL B 19 -13.76 -19.89 -7.67
CA VAL B 19 -14.64 -18.77 -8.04
C VAL B 19 -15.88 -18.74 -7.15
N GLY B 20 -16.53 -19.90 -6.99
CA GLY B 20 -17.71 -19.93 -6.13
C GLY B 20 -17.37 -19.63 -4.69
N GLU B 21 -16.23 -20.13 -4.21
CA GLU B 21 -15.81 -19.84 -2.84
C GLU B 21 -15.68 -18.34 -2.60
N VAL B 22 -15.10 -17.61 -3.56
CA VAL B 22 -14.92 -16.17 -3.36
C VAL B 22 -16.26 -15.46 -3.33
N ILE B 23 -17.16 -15.81 -4.26
CA ILE B 23 -18.49 -15.21 -4.29
C ILE B 23 -19.24 -15.52 -2.99
N GLN B 24 -19.19 -16.78 -2.55
CA GLN B 24 -19.98 -17.21 -1.41
C GLN B 24 -19.61 -16.43 -0.15
N ARG B 25 -18.33 -16.13 0.03
CA ARG B 25 -17.88 -15.43 1.23
C ARG B 25 -18.51 -14.05 1.32
N PHE B 26 -18.66 -13.36 0.19
CA PHE B 26 -19.34 -12.08 0.23
C PHE B 26 -20.84 -12.24 0.40
N GLU B 27 -21.43 -13.22 -0.30
CA GLU B 27 -22.86 -13.49 -0.15
C GLU B 27 -23.23 -13.82 1.28
N ARG B 28 -22.44 -14.67 1.94
N ARG B 28 -22.43 -14.67 1.94
CA ARG B 28 -22.72 -15.07 3.31
CA ARG B 28 -22.78 -15.06 3.30
C ARG B 28 -22.72 -13.87 4.25
C ARG B 28 -22.63 -13.92 4.30
N ARG B 29 -21.94 -12.85 3.94
CA ARG B 29 -21.87 -11.67 4.77
C ARG B 29 -22.94 -10.65 4.38
N GLY B 30 -23.86 -11.03 3.51
CA GLY B 30 -24.99 -10.18 3.16
C GLY B 30 -24.74 -9.19 2.04
N TYR B 31 -23.60 -9.25 1.37
CA TYR B 31 -23.30 -8.29 0.32
C TYR B 31 -23.97 -8.67 -0.99
N LYS B 32 -24.29 -7.65 -1.78
CA LYS B 32 -25.11 -7.77 -2.97
C LYS B 32 -24.23 -7.84 -4.20
N LEU B 33 -24.29 -8.96 -4.93
CA LEU B 33 -23.58 -9.08 -6.20
C LEU B 33 -24.35 -8.28 -7.25
N VAL B 34 -23.70 -7.29 -7.85
CA VAL B 34 -24.38 -6.44 -8.83
C VAL B 34 -23.73 -6.50 -10.20
N ALA B 35 -22.61 -7.21 -10.36
CA ALA B 35 -22.01 -7.37 -11.67
C ALA B 35 -20.98 -8.48 -11.60
N ILE B 36 -20.81 -9.19 -12.72
CA ILE B 36 -19.81 -10.25 -12.83
C ILE B 36 -19.66 -10.65 -14.29
N LYS B 37 -18.45 -11.07 -14.68
CA LYS B 37 -18.23 -11.68 -15.99
C LYS B 37 -16.87 -12.36 -16.02
N MET B 38 -16.72 -13.32 -16.92
CA MET B 38 -15.44 -13.98 -17.18
C MET B 38 -14.87 -13.47 -18.50
N MET B 39 -13.56 -13.26 -18.55
CA MET B 39 -12.94 -12.67 -19.73
C MET B 39 -11.45 -12.92 -19.74
N HIS B 40 -10.86 -12.83 -20.93
CA HIS B 40 -9.41 -12.71 -21.10
C HIS B 40 -9.09 -11.22 -21.15
N ALA B 41 -8.39 -10.73 -20.13
CA ALA B 41 -8.09 -9.30 -20.07
C ALA B 41 -6.91 -8.97 -20.97
N SER B 42 -7.02 -7.82 -21.66
CA SER B 42 -5.97 -7.38 -22.56
C SER B 42 -4.79 -6.82 -21.76
N GLU B 43 -3.63 -6.77 -22.43
CA GLU B 43 -2.45 -6.15 -21.84
C GLU B 43 -2.72 -4.71 -21.44
N GLN B 44 -3.34 -3.94 -22.34
CA GLN B 44 -3.61 -2.53 -22.05
C GLN B 44 -4.52 -2.39 -20.85
N LEU B 45 -5.58 -3.19 -20.78
CA LEU B 45 -6.50 -3.08 -19.65
C LEU B 45 -5.80 -3.37 -18.33
N LEU B 46 -4.90 -4.36 -18.31
CA LEU B 46 -4.24 -4.73 -17.07
C LEU B 46 -3.20 -3.71 -16.67
N GLN B 47 -2.46 -3.14 -17.63
CA GLN B 47 -1.57 -2.05 -17.30
C GLN B 47 -2.33 -0.88 -16.68
N THR B 48 -3.52 -0.57 -17.21
CA THR B 48 -4.32 0.50 -16.63
C THR B 48 -4.80 0.12 -15.24
N HIS B 49 -5.27 -1.11 -15.06
CA HIS B 49 -5.71 -1.57 -13.75
C HIS B 49 -4.59 -1.43 -12.73
N TYR B 50 -3.37 -1.81 -13.09
CA TYR B 50 -2.24 -1.77 -12.18
C TYR B 50 -1.37 -0.53 -12.38
N GLU B 51 -1.97 0.59 -12.79
CA GLU B 51 -1.17 1.76 -13.14
C GLU B 51 -0.33 2.26 -11.97
N ALA B 52 -0.78 2.03 -10.73
CA ALA B 52 -0.01 2.50 -9.58
C ALA B 52 1.30 1.76 -9.41
N LEU B 53 1.44 0.60 -10.05
CA LEU B 53 2.63 -0.24 -9.94
C LEU B 53 3.52 -0.18 -11.17
N LYS B 54 3.25 0.74 -12.11
CA LYS B 54 3.95 0.68 -13.40
C LYS B 54 5.44 0.93 -13.25
N SER B 55 5.85 1.65 -12.22
CA SER B 55 7.25 1.91 -11.95
C SER B 55 7.99 0.72 -11.33
N LEU B 56 7.28 -0.34 -10.95
CA LEU B 56 7.89 -1.40 -10.15
C LEU B 56 8.44 -2.53 -11.00
N SER B 57 9.48 -3.18 -10.49
CA SER B 57 10.24 -4.16 -11.27
C SER B 57 9.41 -5.36 -11.70
N PHE B 58 8.47 -5.81 -10.86
CA PHE B 58 7.66 -6.98 -11.20
C PHE B 58 6.46 -6.64 -12.08
N PHE B 59 6.31 -5.37 -12.48
CA PHE B 59 5.14 -4.96 -13.25
C PHE B 59 4.97 -5.76 -14.53
N PRO B 60 5.96 -5.85 -15.41
CA PRO B 60 5.76 -6.63 -16.65
C PRO B 60 5.39 -8.08 -16.37
N LYS B 61 6.06 -8.72 -15.41
CA LYS B 61 5.77 -10.11 -15.09
C LYS B 61 4.33 -10.28 -14.60
N LEU B 62 3.88 -9.38 -13.72
CA LEU B 62 2.50 -9.43 -13.24
C LEU B 62 1.50 -9.26 -14.37
N VAL B 63 1.74 -8.28 -15.24
CA VAL B 63 0.85 -8.06 -16.36
C VAL B 63 0.79 -9.30 -17.24
N ALA B 64 1.95 -9.87 -17.58
CA ALA B 64 1.97 -11.09 -18.37
C ALA B 64 1.18 -12.20 -17.68
N TYR B 65 1.39 -12.37 -16.38
CA TYR B 65 0.71 -13.46 -15.67
C TYR B 65 -0.81 -13.26 -15.65
N MET B 66 -1.27 -12.03 -15.40
CA MET B 66 -2.71 -11.78 -15.33
C MET B 66 -3.41 -11.94 -16.67
N SER B 67 -2.68 -12.02 -17.78
CA SER B 67 -3.28 -12.28 -19.08
C SER B 67 -3.03 -13.69 -19.58
N SER B 68 -2.47 -14.56 -18.73
CA SER B 68 -2.16 -15.93 -19.14
C SER B 68 -3.34 -16.88 -19.03
N GLY B 69 -4.45 -16.44 -18.44
CA GLY B 69 -5.65 -17.23 -18.28
C GLY B 69 -6.83 -16.34 -17.95
N PRO B 70 -8.04 -16.89 -17.96
CA PRO B 70 -9.23 -16.05 -17.73
C PRO B 70 -9.29 -15.51 -16.31
N VAL B 71 -9.97 -14.36 -16.17
CA VAL B 71 -10.21 -13.74 -14.88
C VAL B 71 -11.71 -13.54 -14.70
N VAL B 72 -12.13 -13.41 -13.45
CA VAL B 72 -13.53 -13.20 -13.11
C VAL B 72 -13.67 -11.92 -12.30
N PRO B 73 -13.80 -10.76 -12.94
CA PRO B 73 -14.10 -9.53 -12.20
C PRO B 73 -15.56 -9.47 -11.77
N MET B 74 -15.81 -8.79 -10.65
CA MET B 74 -17.17 -8.69 -10.13
C MET B 74 -17.26 -7.49 -9.21
N VAL B 75 -18.49 -7.15 -8.82
CA VAL B 75 -18.75 -5.96 -8.00
C VAL B 75 -19.72 -6.34 -6.90
N PHE B 76 -19.38 -5.99 -5.66
CA PHE B 76 -20.26 -6.21 -4.51
C PHE B 76 -20.67 -4.88 -3.87
N GLU B 77 -21.90 -4.84 -3.35
CA GLU B 77 -22.50 -3.63 -2.83
C GLU B 77 -22.99 -3.85 -1.40
N GLY B 78 -22.67 -2.92 -0.51
CA GLY B 78 -23.17 -3.00 0.85
C GLY B 78 -22.37 -2.13 1.80
N ARG B 79 -22.81 -2.14 3.06
CA ARG B 79 -22.21 -1.30 4.10
C ARG B 79 -20.78 -1.75 4.37
N LYS B 80 -19.83 -0.82 4.25
CA LYS B 80 -18.41 -1.02 4.57
C LYS B 80 -17.81 -2.17 3.76
N VAL B 81 -18.29 -2.35 2.52
CA VAL B 81 -17.84 -3.50 1.74
C VAL B 81 -16.37 -3.38 1.37
N VAL B 82 -15.86 -2.15 1.22
CA VAL B 82 -14.46 -1.99 0.78
C VAL B 82 -13.51 -2.46 1.88
N GLU B 83 -13.58 -1.87 3.07
CA GLU B 83 -12.72 -2.29 4.17
C GLU B 83 -12.97 -3.75 4.54
N ASN B 84 -14.24 -4.15 4.68
CA ASN B 84 -14.53 -5.55 4.99
C ASN B 84 -14.00 -6.48 3.89
N GLY B 85 -14.12 -6.06 2.63
CA GLY B 85 -13.56 -6.87 1.55
C GLY B 85 -12.07 -7.12 1.73
N ARG B 86 -11.33 -6.06 2.05
CA ARG B 86 -9.90 -6.24 2.31
C ARG B 86 -9.66 -7.21 3.47
N THR B 87 -10.45 -7.09 4.53
CA THR B 87 -10.31 -8.00 5.65
C THR B 87 -10.59 -9.44 5.23
N MET B 88 -11.64 -9.64 4.43
CA MET B 88 -12.00 -11.00 4.02
C MET B 88 -10.97 -11.61 3.09
N LEU B 89 -10.34 -10.80 2.24
CA LEU B 89 -9.31 -11.34 1.35
C LEU B 89 -8.05 -11.73 2.11
N GLY B 90 -7.65 -10.93 3.08
CA GLY B 90 -6.46 -11.19 3.84
C GLY B 90 -5.25 -10.39 3.35
N ALA B 91 -4.15 -10.53 4.08
CA ALA B 91 -2.94 -9.82 3.72
C ALA B 91 -2.49 -10.25 2.32
N THR B 92 -1.88 -9.30 1.60
CA THR B 92 -1.37 -9.56 0.26
C THR B 92 -0.40 -10.74 0.25
N LYS B 93 0.53 -10.75 1.20
CA LYS B 93 1.41 -11.90 1.39
C LYS B 93 0.67 -12.96 2.19
N PRO B 94 0.41 -14.14 1.61
CA PRO B 94 -0.39 -15.15 2.34
C PRO B 94 0.19 -15.53 3.70
N GLU B 95 1.52 -15.52 3.86
CA GLU B 95 2.10 -15.93 5.14
C GLU B 95 1.80 -14.93 6.24
N ALA B 96 1.41 -13.72 5.90
CA ALA B 96 0.97 -12.72 6.86
C ALA B 96 -0.55 -12.74 7.08
N SER B 97 -1.26 -13.66 6.43
CA SER B 97 -2.72 -13.70 6.48
C SER B 97 -3.23 -14.59 7.61
N CYS B 98 -4.32 -14.14 8.24
CA CYS B 98 -4.95 -14.88 9.32
C CYS B 98 -5.80 -16.02 8.77
N PRO B 99 -5.88 -17.14 9.49
CA PRO B 99 -6.78 -18.21 9.06
C PRO B 99 -8.20 -17.70 9.00
N GLY B 100 -8.98 -18.25 8.09
CA GLY B 100 -10.32 -17.78 7.85
C GLY B 100 -10.44 -16.73 6.77
N SER B 101 -9.35 -16.08 6.39
CA SER B 101 -9.35 -15.23 5.22
C SER B 101 -9.04 -16.06 3.98
N ILE B 102 -9.39 -15.51 2.81
CA ILE B 102 -9.20 -16.26 1.56
C ILE B 102 -7.73 -16.62 1.37
N ARG B 103 -6.84 -15.66 1.56
CA ARG B 103 -5.44 -15.98 1.31
C ARG B 103 -4.86 -16.85 2.43
N GLY B 104 -5.34 -16.68 3.66
CA GLY B 104 -4.89 -17.55 4.75
C GLY B 104 -5.40 -18.97 4.65
N ASP B 105 -6.53 -19.17 3.97
CA ASP B 105 -7.07 -20.52 3.80
C ASP B 105 -6.50 -21.23 2.59
N TYR B 106 -6.11 -20.50 1.54
CA TYR B 106 -5.93 -21.10 0.22
C TYR B 106 -4.59 -20.83 -0.47
N CYS B 107 -3.79 -19.89 0.00
CA CYS B 107 -2.64 -19.42 -0.78
C CYS B 107 -1.32 -19.59 -0.05
N GLN B 108 -0.28 -19.85 -0.84
CA GLN B 108 1.09 -20.00 -0.35
C GLN B 108 2.04 -18.91 -0.82
N ASP B 109 1.67 -18.13 -1.84
CA ASP B 109 2.63 -17.31 -2.57
C ASP B 109 1.96 -15.99 -2.96
N VAL B 110 2.64 -14.88 -2.69
CA VAL B 110 2.13 -13.56 -3.06
C VAL B 110 1.85 -13.48 -4.55
N GLY B 111 2.66 -14.16 -5.37
CA GLY B 111 2.42 -14.13 -6.80
C GLY B 111 1.28 -15.00 -7.28
N ARG B 112 0.69 -15.81 -6.39
CA ARG B 112 -0.41 -16.70 -6.71
C ARG B 112 -1.42 -16.62 -5.56
N ASN B 113 -2.01 -15.44 -5.38
CA ASN B 113 -2.86 -15.18 -4.22
C ASN B 113 -4.34 -15.02 -4.60
N VAL B 114 -4.75 -15.66 -5.70
CA VAL B 114 -6.12 -16.07 -5.98
C VAL B 114 -7.07 -14.95 -6.39
N VAL B 115 -6.98 -13.77 -5.77
CA VAL B 115 -8.04 -12.78 -5.90
C VAL B 115 -7.47 -11.39 -5.70
N HIS B 116 -8.13 -10.39 -6.31
CA HIS B 116 -7.84 -8.98 -6.12
C HIS B 116 -9.04 -8.29 -5.48
N GLY B 117 -8.75 -7.26 -4.68
CA GLY B 117 -9.82 -6.46 -4.09
C GLY B 117 -9.45 -4.99 -4.01
N SER B 118 -10.41 -4.11 -4.25
CA SER B 118 -10.13 -2.67 -4.14
C SER B 118 -9.64 -2.31 -2.74
N ASP B 119 -8.69 -1.39 -2.66
CA ASP B 119 -8.12 -1.02 -1.37
C ASP B 119 -8.66 0.28 -0.81
N SER B 120 -9.45 1.04 -1.57
CA SER B 120 -10.06 2.26 -1.07
C SER B 120 -11.37 2.52 -1.81
N THR B 121 -12.18 3.42 -1.24
CA THR B 121 -13.36 3.88 -1.95
C THR B 121 -13.02 4.45 -3.32
N GLU B 122 -11.94 5.24 -3.37
CA GLU B 122 -11.56 5.90 -4.61
C GLU B 122 -11.06 4.90 -5.65
N SER B 123 -10.24 3.94 -5.23
CA SER B 123 -9.82 2.88 -6.15
C SER B 123 -11.00 2.04 -6.61
N ALA B 124 -11.94 1.77 -5.71
CA ALA B 124 -13.08 0.94 -6.08
C ALA B 124 -13.87 1.59 -7.21
N ASN B 125 -14.16 2.89 -7.07
CA ASN B 125 -14.87 3.60 -8.13
C ASN B 125 -14.09 3.56 -9.44
N ARG B 126 -12.78 3.79 -9.38
CA ARG B 126 -11.96 3.75 -10.58
C ARG B 126 -12.02 2.37 -11.24
N GLU B 127 -11.84 1.32 -10.44
CA GLU B 127 -11.74 -0.03 -11.01
C GLU B 127 -13.08 -0.51 -11.55
N ILE B 128 -14.16 -0.24 -10.83
CA ILE B 128 -15.48 -0.64 -11.31
C ILE B 128 -15.74 -0.04 -12.69
N ASN B 129 -15.57 1.28 -12.81
CA ASN B 129 -15.80 1.96 -14.09
C ASN B 129 -14.82 1.54 -15.17
N LEU B 130 -13.64 1.03 -14.78
CA LEU B 130 -12.69 0.54 -15.78
C LEU B 130 -13.17 -0.78 -16.39
N TRP B 131 -13.64 -1.70 -15.55
CA TRP B 131 -13.97 -3.05 -15.99
C TRP B 131 -15.40 -3.21 -16.46
N PHE B 132 -16.33 -2.36 -15.99
CA PHE B 132 -17.75 -2.54 -16.26
C PHE B 132 -18.35 -1.25 -16.79
N SER B 133 -19.19 -1.37 -17.79
CA SER B 133 -19.97 -0.23 -18.24
C SER B 133 -21.16 -0.02 -17.31
N PRO B 134 -21.76 1.16 -17.34
CA PRO B 134 -22.90 1.40 -16.43
C PRO B 134 -24.06 0.44 -16.65
N GLN B 135 -24.27 -0.04 -17.87
CA GLN B 135 -25.38 -0.92 -18.15
C GLN B 135 -25.16 -2.33 -17.61
N GLU B 136 -23.92 -2.66 -17.24
CA GLU B 136 -23.63 -3.98 -16.67
C GLU B 136 -23.89 -4.05 -15.17
N LEU B 137 -24.10 -2.92 -14.52
CA LEU B 137 -24.34 -2.88 -13.07
C LEU B 137 -25.83 -3.09 -12.82
N CYS B 138 -26.19 -4.21 -12.21
CA CYS B 138 -27.59 -4.52 -12.00
C CYS B 138 -28.09 -3.88 -10.71
N GLN B 139 -29.38 -3.52 -10.71
CA GLN B 139 -29.99 -2.82 -9.58
C GLN B 139 -31.18 -3.62 -9.08
N TYR B 140 -31.17 -3.92 -7.79
CA TYR B 140 -32.30 -4.60 -7.17
C TYR B 140 -32.22 -4.44 -5.66
N LYS B 141 -33.36 -4.65 -5.01
CA LYS B 141 -33.47 -4.46 -3.56
C LYS B 141 -33.39 -5.82 -2.88
N GLN B 142 -32.52 -5.93 -1.89
CA GLN B 142 -32.37 -7.18 -1.15
C GLN B 142 -33.53 -7.37 -0.18
N ALA B 143 -34.15 -8.54 -0.21
CA ALA B 143 -35.23 -8.83 0.74
C ALA B 143 -34.74 -8.74 2.18
N VAL B 144 -33.51 -9.17 2.46
CA VAL B 144 -33.03 -9.21 3.84
C VAL B 144 -32.40 -7.88 4.23
N ASP B 145 -32.58 -6.85 3.39
CA ASP B 145 -31.98 -5.55 3.71
C ASP B 145 -32.28 -5.08 5.13
N PRO B 146 -33.52 -5.13 5.62
CA PRO B 146 -33.78 -4.59 6.97
C PRO B 146 -33.10 -5.37 8.08
N TRP B 147 -32.54 -6.55 7.78
CA TRP B 147 -31.90 -7.37 8.79
C TRP B 147 -30.39 -7.41 8.67
N ILE B 148 -29.81 -6.83 7.62
CA ILE B 148 -28.36 -6.76 7.51
C ILE B 148 -27.80 -5.41 7.90
N HIS B 149 -28.62 -4.36 7.95
CA HIS B 149 -28.14 -3.09 8.50
C HIS B 149 -29.29 -2.27 9.07
N GLU B 150 -28.92 -1.38 9.99
CA GLU B 150 -29.84 -0.52 10.72
C GLU B 150 -30.39 0.58 9.82
#